data_3ZD5
#
_entry.id   3ZD5
#
_cell.length_a   49.886
_cell.length_b   69.210
_cell.length_c   60.076
_cell.angle_alpha   90.00
_cell.angle_beta   111.83
_cell.angle_gamma   90.00
#
_symmetry.space_group_name_H-M   'C 1 2 1'
#
loop_
_entity.id
_entity.type
_entity.pdbx_description
1 polymer 'HAMMERHEAD RIBOZYME, ENZYME STRAND'
2 polymer 'HAMMERHEAD RIBOZYME, SUBSTRATE STRAND'
3 water water
#
loop_
_entity_poly.entity_id
_entity_poly.type
_entity_poly.pdbx_seq_one_letter_code
_entity_poly.pdbx_strand_id
1 'polyribonucleotide' (GDP)GAUGUACUACCAGCUGAUGAGUCCCAAAUAGGACGAAACGCC A
2 'polyribonucleotide' GGCGU(OMC)CUGG(5BU)AUCCAA(5BU)C(DC) B
#